data_1CK0
#
_entry.id   1CK0
#
_cell.length_a   83.850
_cell.length_b   83.850
_cell.length_c   142.060
_cell.angle_alpha   90.00
_cell.angle_beta   90.00
_cell.angle_gamma   90.00
#
_symmetry.space_group_name_H-M   'P 43 21 2'
#
loop_
_entity.id
_entity.type
_entity.pdbx_description
1 polymer 'PROTEIN (IGG1-KAPPA ANTIBODY 131 (LIGHT CHAIN))'
2 polymer 'PROTEIN (IGG1-KAPPA ANTIBODY 131 (HEAVY CHAIN))'
3 water water
#
loop_
_entity_poly.entity_id
_entity_poly.type
_entity_poly.pdbx_seq_one_letter_code
_entity_poly.pdbx_strand_id
1 'polypeptide(L)'
;DIQLTQSPSSLAVSAGEKVTMNCKSSQNLLHSITRKNYLAWYRQKPGQSPKLLIYWASTRGSGVPDRFTGSGSGTDFTLT
ISSVQAEDLAVYYCKQSYNLYTFGGGTKLEIKRADAAPTVSIFPPSSEQLTSGGASVVCFLNNFYPKDINVKWKIDGSER
QNGVLNSWTDQDSKDSTYSMSSTLTLTKDEYERHNSYTCEATHKTSTSPIVKSFNR
;
L
2 'polypeptide(L)'
;QVQLQESGGGLVQPRGSLKLSCAASGFTFNTDAMNWVRQAPGKGLEWVARIRSKGFNFATYYADSVRDRFTISRDDSQSM
LYLQMNNLKTEDTGIYYCVRGRDGEAMDYWGQGTTLTVSSAKTTPPSVYPLAPGSAAQTNSMVTLGCLVKGYFPEPVTVT
WNSGSLSSGVHTFPAVLQSDLYTLSSSVTVPSSPRPSETVTCNVAHPASSTKVDKKIVN
;
H
#
# COMPACT_ATOMS: atom_id res chain seq x y z
N ASP A 1 -19.75 -4.92 -20.66
CA ASP A 1 -18.84 -4.64 -19.56
C ASP A 1 -19.46 -3.58 -18.66
N ILE A 2 -20.13 -4.03 -17.60
CA ILE A 2 -20.77 -3.11 -16.67
C ILE A 2 -19.71 -2.33 -15.94
N GLN A 3 -19.76 -1.00 -15.99
CA GLN A 3 -18.79 -0.20 -15.28
C GLN A 3 -19.47 0.62 -14.18
N LEU A 4 -19.01 0.41 -12.95
CA LEU A 4 -19.56 1.08 -11.76
C LEU A 4 -18.73 2.32 -11.51
N THR A 5 -19.36 3.39 -11.02
CA THR A 5 -18.63 4.62 -10.73
C THR A 5 -18.98 5.00 -9.29
N GLN A 6 -17.99 5.40 -8.51
CA GLN A 6 -18.22 5.74 -7.12
C GLN A 6 -18.06 7.23 -6.80
N SER A 7 -18.69 7.69 -5.72
CA SER A 7 -18.57 9.10 -5.38
C SER A 7 -18.98 9.36 -3.95
N PRO A 8 -18.29 10.31 -3.29
CA PRO A 8 -17.16 11.09 -3.82
C PRO A 8 -15.91 10.22 -3.94
N SER A 9 -14.84 10.75 -4.54
CA SER A 9 -13.61 9.98 -4.65
C SER A 9 -12.91 9.97 -3.28
N SER A 10 -13.25 10.95 -2.46
CA SER A 10 -12.68 11.04 -1.12
C SER A 10 -13.71 11.67 -0.21
N LEU A 11 -13.54 11.44 1.09
CA LEU A 11 -14.43 11.95 2.12
C LEU A 11 -13.55 12.14 3.33
N ALA A 12 -13.95 13.05 4.20
CA ALA A 12 -13.21 13.32 5.42
C ALA A 12 -14.25 13.60 6.50
N VAL A 13 -14.43 12.66 7.43
CA VAL A 13 -15.42 12.85 8.48
C VAL A 13 -14.77 12.70 9.83
N SER A 14 -15.47 13.14 10.86
CA SER A 14 -14.96 13.06 12.23
C SER A 14 -15.43 11.78 12.91
N ALA A 15 -14.75 11.40 13.98
CA ALA A 15 -15.12 10.22 14.74
C ALA A 15 -16.54 10.41 15.32
N GLY A 16 -17.32 9.34 15.32
CA GLY A 16 -18.67 9.44 15.84
C GLY A 16 -19.69 9.77 14.78
N GLU A 17 -19.24 10.46 13.72
CA GLU A 17 -20.13 10.86 12.63
C GLU A 17 -20.54 9.68 11.74
N LYS A 18 -21.57 9.92 10.94
CA LYS A 18 -22.09 8.91 10.03
C LYS A 18 -21.72 9.42 8.66
N VAL A 19 -21.39 8.51 7.75
CA VAL A 19 -20.98 8.89 6.40
C VAL A 19 -21.71 8.07 5.35
N THR A 20 -21.84 8.62 4.15
CA THR A 20 -22.51 7.93 3.08
C THR A 20 -21.83 8.16 1.73
N MET A 21 -21.34 7.08 1.13
CA MET A 21 -20.68 7.15 -0.17
C MET A 21 -21.60 6.42 -1.13
N ASN A 22 -21.45 6.65 -2.42
CA ASN A 22 -22.34 6.03 -3.41
C ASN A 22 -21.67 5.22 -4.53
N CYS A 23 -22.46 4.37 -5.17
CA CYS A 23 -21.98 3.52 -6.26
C CYS A 23 -23.05 3.41 -7.34
N LYS A 24 -22.76 3.92 -8.53
CA LYS A 24 -23.69 3.92 -9.65
C LYS A 24 -23.26 2.90 -10.69
N SER A 25 -24.21 2.12 -11.21
CA SER A 25 -23.93 1.11 -12.21
C SER A 25 -24.46 1.54 -13.58
N SER A 26 -23.73 1.17 -14.63
CA SER A 26 -24.13 1.49 -15.99
C SER A 26 -25.23 0.53 -16.43
N GLN A 27 -25.32 -0.62 -15.77
CA GLN A 27 -26.34 -1.59 -16.12
C GLN A 27 -27.05 -2.06 -14.86
N ASN A 28 -28.32 -2.44 -15.01
CA ASN A 28 -29.15 -2.89 -13.89
C ASN A 28 -28.67 -4.22 -13.29
N LEU A 29 -28.44 -4.23 -11.99
CA LEU A 29 -27.95 -5.40 -11.29
C LEU A 29 -29.02 -6.26 -10.60
N LEU A 30 -30.24 -5.77 -10.52
CA LEU A 30 -31.32 -6.52 -9.88
C LEU A 30 -31.82 -7.64 -10.79
N HIS A 31 -31.57 -8.88 -10.35
CA HIS A 31 -32.00 -10.07 -11.06
C HIS A 31 -33.52 -10.27 -10.84
N SER A 32 -34.30 -10.18 -11.91
CA SER A 32 -35.76 -10.31 -11.86
C SER A 32 -36.32 -11.54 -11.16
N ILE A 33 -35.69 -12.69 -11.36
CA ILE A 33 -36.16 -13.92 -10.73
C ILE A 33 -35.85 -14.01 -9.22
N THR A 34 -34.57 -14.01 -8.85
CA THR A 34 -34.20 -14.10 -7.44
C THR A 34 -34.45 -12.80 -6.67
N ARG A 35 -34.68 -11.71 -7.40
CA ARG A 35 -34.93 -10.41 -6.80
C ARG A 35 -33.71 -9.85 -6.04
N LYS A 36 -32.54 -10.45 -6.23
CA LYS A 36 -31.33 -9.97 -5.56
C LYS A 36 -30.57 -8.98 -6.42
N ASN A 37 -29.98 -7.96 -5.78
CA ASN A 37 -29.16 -6.97 -6.47
C ASN A 37 -27.74 -7.51 -6.29
N TYR A 38 -27.11 -7.93 -7.38
CA TYR A 38 -25.78 -8.48 -7.29
C TYR A 38 -24.66 -7.45 -7.19
N LEU A 39 -24.65 -6.72 -6.09
CA LEU A 39 -23.64 -5.71 -5.84
C LEU A 39 -23.07 -5.87 -4.43
N ALA A 40 -21.74 -5.87 -4.33
CA ALA A 40 -21.04 -6.01 -3.07
C ALA A 40 -20.16 -4.80 -2.72
N TRP A 41 -19.72 -4.74 -1.47
CA TRP A 41 -18.88 -3.65 -0.99
C TRP A 41 -17.72 -4.27 -0.21
N TYR A 42 -16.51 -3.80 -0.50
CA TYR A 42 -15.30 -4.27 0.16
C TYR A 42 -14.49 -3.04 0.60
N ARG A 43 -13.51 -3.23 1.46
CA ARG A 43 -12.67 -2.13 1.87
C ARG A 43 -11.26 -2.63 2.06
N GLN A 44 -10.28 -1.76 1.84
CA GLN A 44 -8.89 -2.12 1.97
C GLN A 44 -8.17 -1.10 2.84
N LYS A 45 -7.70 -1.56 3.99
CA LYS A 45 -6.96 -0.71 4.94
C LYS A 45 -5.57 -0.53 4.35
N PRO A 46 -4.91 0.61 4.63
CA PRO A 46 -3.57 0.85 4.10
C PRO A 46 -2.65 -0.33 4.41
N GLY A 47 -2.18 -0.98 3.35
CA GLY A 47 -1.28 -2.11 3.53
C GLY A 47 -1.89 -3.42 3.98
N GLN A 48 -3.17 -3.62 3.65
CA GLN A 48 -3.87 -4.85 3.98
C GLN A 48 -4.65 -5.32 2.74
N SER A 49 -5.07 -6.59 2.75
CA SER A 49 -5.85 -7.15 1.63
C SER A 49 -7.30 -6.68 1.78
N PRO A 50 -8.04 -6.61 0.66
CA PRO A 50 -9.43 -6.16 0.70
C PRO A 50 -10.30 -7.12 1.54
N LYS A 51 -11.24 -6.57 2.30
CA LYS A 51 -12.11 -7.37 3.13
C LYS A 51 -13.54 -7.18 2.66
N LEU A 52 -14.30 -8.27 2.67
CA LEU A 52 -15.70 -8.21 2.27
C LEU A 52 -16.52 -7.57 3.39
N LEU A 53 -17.42 -6.68 3.02
CA LEU A 53 -18.28 -6.03 3.99
C LEU A 53 -19.76 -6.38 3.76
N ILE A 54 -20.20 -6.38 2.51
CA ILE A 54 -21.61 -6.61 2.20
C ILE A 54 -21.79 -7.19 0.81
N TYR A 55 -22.80 -8.05 0.66
CA TYR A 55 -23.14 -8.68 -0.61
C TYR A 55 -24.65 -8.66 -0.77
N TRP A 56 -25.12 -8.78 -2.00
CA TRP A 56 -26.55 -8.74 -2.32
C TRP A 56 -27.08 -7.39 -1.88
N ALA A 57 -26.26 -6.37 -2.09
CA ALA A 57 -26.59 -4.99 -1.78
C ALA A 57 -26.81 -4.60 -0.33
N SER A 58 -27.15 -5.55 0.55
CA SER A 58 -27.38 -5.18 1.95
C SER A 58 -27.11 -6.23 3.03
N THR A 59 -26.71 -7.43 2.61
CA THR A 59 -26.41 -8.49 3.57
C THR A 59 -24.96 -8.34 4.03
N ARG A 60 -24.77 -8.20 5.34
CA ARG A 60 -23.43 -8.09 5.89
C ARG A 60 -22.72 -9.44 5.81
N GLY A 61 -21.40 -9.40 5.70
CA GLY A 61 -20.65 -10.63 5.67
C GLY A 61 -20.48 -11.04 7.10
N SER A 62 -20.15 -12.32 7.32
CA SER A 62 -19.96 -12.84 8.66
C SER A 62 -18.92 -12.02 9.41
N GLY A 63 -19.25 -11.59 10.62
CA GLY A 63 -18.31 -10.81 11.41
C GLY A 63 -18.40 -9.32 11.20
N VAL A 64 -18.95 -8.90 10.07
CA VAL A 64 -19.05 -7.46 9.82
C VAL A 64 -20.15 -6.89 10.75
N PRO A 65 -19.82 -5.84 11.52
CA PRO A 65 -20.74 -5.18 12.45
C PRO A 65 -21.88 -4.38 11.83
N ASP A 66 -22.96 -4.24 12.57
CA ASP A 66 -24.14 -3.51 12.13
C ASP A 66 -23.94 -2.02 11.91
N ARG A 67 -22.69 -1.56 12.05
CA ARG A 67 -22.40 -0.15 11.82
C ARG A 67 -22.41 0.07 10.29
N PHE A 68 -22.17 -1.00 9.55
CA PHE A 68 -22.13 -0.97 8.09
C PHE A 68 -23.48 -1.31 7.48
N THR A 69 -23.96 -0.45 6.59
CA THR A 69 -25.24 -0.67 5.97
C THR A 69 -25.19 -0.43 4.44
N GLY A 70 -25.56 -1.43 3.65
CA GLY A 70 -25.58 -1.25 2.22
C GLY A 70 -27.03 -1.01 1.84
N SER A 71 -27.28 -0.28 0.75
CA SER A 71 -28.66 -0.01 0.33
C SER A 71 -28.74 0.21 -1.15
N GLY A 72 -29.96 0.30 -1.66
CA GLY A 72 -30.15 0.53 -3.08
C GLY A 72 -30.67 -0.65 -3.88
N SER A 73 -31.02 -0.39 -5.13
CA SER A 73 -31.51 -1.40 -6.04
C SER A 73 -31.34 -0.88 -7.44
N GLY A 74 -31.21 -1.81 -8.38
CA GLY A 74 -31.06 -1.43 -9.77
C GLY A 74 -29.67 -0.96 -10.13
N THR A 75 -29.51 0.35 -10.27
CA THR A 75 -28.23 0.93 -10.65
C THR A 75 -27.70 1.90 -9.62
N ASP A 76 -28.47 2.17 -8.58
CA ASP A 76 -28.05 3.11 -7.54
C ASP A 76 -27.95 2.44 -6.18
N PHE A 77 -26.74 2.43 -5.61
CA PHE A 77 -26.48 1.83 -4.31
C PHE A 77 -25.71 2.78 -3.42
N THR A 78 -25.78 2.55 -2.11
CA THR A 78 -25.11 3.42 -1.16
C THR A 78 -24.61 2.62 0.03
N LEU A 79 -23.49 3.05 0.62
CA LEU A 79 -22.95 2.40 1.80
C LEU A 79 -22.94 3.47 2.87
N THR A 80 -23.50 3.12 4.03
CA THR A 80 -23.58 4.03 5.14
C THR A 80 -22.84 3.43 6.32
N ILE A 81 -21.83 4.15 6.78
CA ILE A 81 -21.06 3.69 7.92
C ILE A 81 -21.44 4.61 9.05
N SER A 82 -21.90 4.02 10.15
CA SER A 82 -22.28 4.79 11.31
C SER A 82 -21.19 4.61 12.37
N SER A 83 -21.00 5.63 13.20
CA SER A 83 -19.98 5.57 14.23
C SER A 83 -18.63 5.30 13.57
N VAL A 84 -18.25 6.19 12.64
CA VAL A 84 -16.95 6.06 11.98
C VAL A 84 -15.89 6.17 13.06
N GLN A 85 -14.97 5.21 13.10
CA GLN A 85 -13.91 5.24 14.11
C GLN A 85 -12.63 5.60 13.36
N ALA A 86 -11.54 5.78 14.11
CA ALA A 86 -10.24 6.09 13.52
C ALA A 86 -9.74 4.86 12.78
N GLU A 87 -10.37 3.72 13.06
CA GLU A 87 -10.00 2.46 12.43
C GLU A 87 -10.66 2.20 11.08
N ASP A 88 -11.60 3.03 10.66
CA ASP A 88 -12.27 2.77 9.38
C ASP A 88 -11.61 3.40 8.18
N LEU A 89 -10.42 3.94 8.36
CA LEU A 89 -9.73 4.58 7.24
C LEU A 89 -9.27 3.52 6.23
N ALA A 90 -9.76 3.66 5.01
CA ALA A 90 -9.45 2.75 3.92
C ALA A 90 -10.15 3.28 2.69
N VAL A 91 -10.03 2.53 1.60
CA VAL A 91 -10.69 2.88 0.34
C VAL A 91 -11.84 1.86 0.26
N TYR A 92 -13.04 2.34 -0.07
CA TYR A 92 -14.18 1.43 -0.17
C TYR A 92 -14.56 1.18 -1.61
N TYR A 93 -14.57 -0.09 -1.99
CA TYR A 93 -14.90 -0.48 -3.35
C TYR A 93 -16.24 -1.18 -3.38
N CYS A 94 -16.99 -0.95 -4.45
CA CYS A 94 -18.24 -1.66 -4.65
C CYS A 94 -17.90 -2.55 -5.85
N LYS A 95 -18.45 -3.75 -5.90
CA LYS A 95 -18.15 -4.69 -6.98
C LYS A 95 -19.46 -5.30 -7.48
N GLN A 96 -19.54 -5.60 -8.78
CA GLN A 96 -20.74 -6.20 -9.31
C GLN A 96 -20.52 -7.68 -9.65
N SER A 97 -21.53 -8.50 -9.37
CA SER A 97 -21.43 -9.92 -9.66
C SER A 97 -22.49 -10.30 -10.69
N TYR A 98 -23.13 -9.32 -11.31
CA TYR A 98 -24.18 -9.64 -12.26
C TYR A 98 -23.68 -10.36 -13.51
N ASN A 99 -22.47 -10.06 -13.94
CA ASN A 99 -21.88 -10.71 -15.11
C ASN A 99 -20.38 -10.64 -14.93
N LEU A 100 -19.80 -11.76 -14.49
CA LEU A 100 -18.39 -11.83 -14.21
C LEU A 100 -18.17 -10.85 -13.05
N TYR A 101 -17.02 -10.19 -12.96
CA TYR A 101 -16.80 -9.25 -11.87
C TYR A 101 -16.29 -7.93 -12.39
N THR A 102 -16.54 -6.88 -11.61
CA THR A 102 -16.11 -5.54 -11.95
C THR A 102 -16.17 -4.68 -10.68
N PHE A 103 -15.04 -4.11 -10.28
CA PHE A 103 -14.97 -3.25 -9.10
C PHE A 103 -15.09 -1.79 -9.55
N GLY A 104 -15.36 -0.91 -8.60
CA GLY A 104 -15.46 0.51 -8.93
C GLY A 104 -14.12 1.18 -8.64
N GLY A 105 -14.05 2.49 -8.86
CA GLY A 105 -12.82 3.21 -8.60
C GLY A 105 -12.40 3.25 -7.14
N GLY A 106 -13.39 3.22 -6.25
CA GLY A 106 -13.10 3.26 -4.83
C GLY A 106 -13.30 4.66 -4.29
N THR A 107 -13.52 4.76 -2.98
CA THR A 107 -13.71 6.03 -2.31
C THR A 107 -12.76 5.95 -1.12
N LYS A 108 -11.96 6.99 -0.90
CA LYS A 108 -11.05 6.99 0.24
C LYS A 108 -11.73 7.67 1.41
N LEU A 109 -11.55 7.14 2.61
CA LEU A 109 -12.15 7.74 3.80
C LEU A 109 -11.08 8.19 4.77
N GLU A 110 -10.97 9.51 4.92
CA GLU A 110 -10.00 10.13 5.83
C GLU A 110 -10.79 10.54 7.07
N ILE A 111 -10.07 10.72 8.17
CA ILE A 111 -10.69 11.11 9.43
C ILE A 111 -10.26 12.51 9.85
N LYS A 112 -11.21 13.44 9.91
CA LYS A 112 -10.90 14.80 10.31
C LYS A 112 -10.65 14.84 11.80
N ARG A 113 -9.46 15.26 12.20
CA ARG A 113 -9.12 15.38 13.60
C ARG A 113 -8.67 16.81 13.89
N ALA A 114 -8.11 17.03 15.07
CA ALA A 114 -7.63 18.35 15.48
C ALA A 114 -6.30 18.63 14.81
N ASP A 115 -6.01 19.90 14.57
CA ASP A 115 -4.75 20.31 13.94
C ASP A 115 -3.56 19.79 14.76
N ALA A 116 -2.49 19.42 14.08
CA ALA A 116 -1.29 18.91 14.74
C ALA A 116 -0.04 19.40 14.00
N ALA A 117 0.85 20.06 14.74
CA ALA A 117 2.09 20.59 14.20
C ALA A 117 3.07 19.45 14.02
N PRO A 118 3.88 19.48 12.93
CA PRO A 118 4.84 18.40 12.70
C PRO A 118 6.06 18.46 13.60
N THR A 119 6.78 17.35 13.68
CA THR A 119 8.00 17.29 14.48
C THR A 119 9.13 17.12 13.48
N VAL A 120 9.83 18.21 13.18
CA VAL A 120 10.91 18.16 12.19
C VAL A 120 12.22 17.60 12.72
N SER A 121 12.91 16.85 11.86
CA SER A 121 14.18 16.22 12.21
C SER A 121 15.03 16.21 10.95
N ILE A 122 16.17 16.89 11.00
CA ILE A 122 17.07 16.95 9.85
C ILE A 122 18.25 16.02 10.09
N PHE A 123 18.72 15.36 9.04
CA PHE A 123 19.80 14.40 9.18
C PHE A 123 20.87 14.64 8.12
N PRO A 124 22.11 14.85 8.56
CA PRO A 124 23.25 15.07 7.66
C PRO A 124 23.55 13.72 6.99
N PRO A 125 24.26 13.73 5.85
CA PRO A 125 24.59 12.47 5.15
C PRO A 125 25.42 11.54 6.03
N SER A 126 25.35 10.23 5.79
CA SER A 126 26.13 9.30 6.58
C SER A 126 27.54 9.11 6.01
N SER A 127 28.46 8.74 6.88
CA SER A 127 29.85 8.50 6.48
C SER A 127 29.85 7.49 5.34
N GLU A 128 29.10 6.41 5.51
CA GLU A 128 29.01 5.35 4.51
C GLU A 128 28.60 5.91 3.16
N GLN A 129 27.59 6.77 3.14
CA GLN A 129 27.14 7.32 1.86
C GLN A 129 28.21 8.23 1.26
N LEU A 130 28.76 9.12 2.08
CA LEU A 130 29.81 10.03 1.62
C LEU A 130 30.93 9.26 0.93
N THR A 131 31.38 8.19 1.57
CA THR A 131 32.43 7.35 1.04
C THR A 131 32.01 6.70 -0.29
N SER A 132 30.74 6.83 -0.65
CA SER A 132 30.21 6.27 -1.88
C SER A 132 30.12 7.30 -3.02
N GLY A 133 30.52 8.54 -2.73
CA GLY A 133 30.49 9.57 -3.76
C GLY A 133 29.14 10.24 -3.96
N GLY A 134 28.36 10.31 -2.88
CA GLY A 134 27.05 10.93 -2.94
C GLY A 134 26.63 11.46 -1.57
N ALA A 135 25.66 12.36 -1.55
CA ALA A 135 25.21 12.93 -0.28
C ALA A 135 23.72 13.23 -0.27
N SER A 136 23.00 12.55 0.63
CA SER A 136 21.56 12.73 0.76
C SER A 136 21.21 13.29 2.13
N VAL A 137 20.68 14.51 2.15
CA VAL A 137 20.28 15.11 3.40
C VAL A 137 18.80 14.76 3.51
N VAL A 138 18.43 14.12 4.61
CA VAL A 138 17.07 13.67 4.81
C VAL A 138 16.41 14.49 5.90
N CYS A 139 15.12 14.73 5.75
CA CYS A 139 14.37 15.49 6.72
C CYS A 139 13.07 14.74 6.99
N PHE A 140 12.72 14.57 8.26
CA PHE A 140 11.49 13.87 8.61
C PHE A 140 10.52 14.82 9.28
N LEU A 141 9.34 14.97 8.68
CA LEU A 141 8.29 15.83 9.23
C LEU A 141 7.20 14.85 9.63
N ASN A 142 7.21 14.47 10.90
CA ASN A 142 6.27 13.48 11.44
C ASN A 142 5.07 13.94 12.27
N ASN A 143 4.01 13.13 12.21
CA ASN A 143 2.77 13.31 12.95
C ASN A 143 2.13 14.69 12.93
N PHE A 144 1.48 15.04 11.83
CA PHE A 144 0.82 16.33 11.76
C PHE A 144 -0.52 16.22 11.07
N TYR A 145 -1.33 17.26 11.20
CA TYR A 145 -2.65 17.30 10.60
C TYR A 145 -3.03 18.77 10.47
N PRO A 146 -3.55 19.18 9.30
CA PRO A 146 -3.82 18.36 8.12
C PRO A 146 -2.61 17.93 7.27
N LYS A 147 -2.88 17.20 6.21
CA LYS A 147 -1.85 16.70 5.30
C LYS A 147 -1.12 17.83 4.54
N ASP A 148 -1.79 18.96 4.35
CA ASP A 148 -1.23 20.11 3.63
C ASP A 148 -0.04 20.76 4.37
N ILE A 149 1.16 20.61 3.83
CA ILE A 149 2.38 21.17 4.43
C ILE A 149 3.38 21.52 3.32
N ASN A 150 4.20 22.54 3.56
CA ASN A 150 5.21 22.98 2.60
C ASN A 150 6.60 22.80 3.21
N VAL A 151 7.48 22.10 2.52
CA VAL A 151 8.85 21.89 2.99
C VAL A 151 9.89 22.43 1.98
N LYS A 152 10.73 23.36 2.44
CA LYS A 152 11.78 23.95 1.60
C LYS A 152 13.14 23.52 2.09
N TRP A 153 14.04 23.31 1.13
CA TRP A 153 15.42 22.95 1.39
C TRP A 153 16.21 24.21 1.10
N LYS A 154 16.99 24.68 2.07
CA LYS A 154 17.80 25.89 1.90
C LYS A 154 19.26 25.63 2.23
N ILE A 155 20.12 25.79 1.24
CA ILE A 155 21.57 25.58 1.41
C ILE A 155 22.31 26.91 1.53
N ASP A 156 22.67 27.27 2.77
CA ASP A 156 23.37 28.54 3.09
C ASP A 156 22.43 29.74 3.04
N GLY A 157 21.37 29.64 2.23
CA GLY A 157 20.41 30.73 2.11
C GLY A 157 19.56 30.63 0.85
N SER A 158 20.16 30.10 -0.22
CA SER A 158 19.47 29.92 -1.49
C SER A 158 18.54 28.69 -1.35
N GLU A 159 17.42 28.71 -2.06
CA GLU A 159 16.48 27.59 -1.99
C GLU A 159 16.79 26.55 -3.04
N ARG A 160 16.85 25.30 -2.61
CA ARG A 160 17.12 24.19 -3.50
C ARG A 160 15.84 23.47 -3.87
N GLN A 161 15.47 23.53 -5.15
CA GLN A 161 14.26 22.87 -5.64
C GLN A 161 14.52 21.71 -6.59
N ASN A 162 15.76 21.29 -6.69
CA ASN A 162 16.09 20.17 -7.57
C ASN A 162 16.78 19.10 -6.76
N GLY A 163 16.42 17.85 -7.00
CA GLY A 163 17.02 16.75 -6.28
C GLY A 163 16.26 16.41 -5.00
N VAL A 164 15.03 16.89 -4.93
CA VAL A 164 14.16 16.66 -3.79
C VAL A 164 13.16 15.57 -4.13
N LEU A 165 13.11 14.56 -3.28
CA LEU A 165 12.20 13.46 -3.44
C LEU A 165 11.40 13.51 -2.15
N ASN A 166 10.09 13.72 -2.29
CA ASN A 166 9.20 13.80 -1.13
C ASN A 166 8.32 12.58 -1.11
N SER A 167 7.78 12.25 0.06
CA SER A 167 6.91 11.08 0.19
C SER A 167 6.08 11.12 1.45
N TRP A 168 4.75 11.05 1.31
CA TRP A 168 3.86 11.06 2.47
C TRP A 168 3.43 9.65 2.82
N THR A 169 3.00 9.47 4.06
CA THR A 169 2.50 8.18 4.50
C THR A 169 0.97 8.29 4.54
N ASP A 170 0.29 7.15 4.61
CA ASP A 170 -1.17 7.16 4.70
C ASP A 170 -1.51 7.72 6.09
N GLN A 171 -2.75 8.14 6.28
CA GLN A 171 -3.15 8.65 7.58
C GLN A 171 -3.06 7.51 8.57
N ASP A 172 -2.45 7.77 9.71
CA ASP A 172 -2.29 6.75 10.73
C ASP A 172 -3.61 6.33 11.35
N SER A 173 -3.88 5.03 11.33
CA SER A 173 -5.11 4.50 11.91
C SER A 173 -5.11 4.69 13.42
N LYS A 174 -3.93 4.93 13.97
CA LYS A 174 -3.75 5.13 15.41
C LYS A 174 -4.13 6.54 15.84
N ASP A 175 -3.31 7.52 15.47
CA ASP A 175 -3.55 8.90 15.84
C ASP A 175 -4.12 9.82 14.74
N SER A 176 -4.43 9.25 13.58
CA SER A 176 -4.99 10.02 12.46
C SER A 176 -4.09 11.14 11.92
N THR A 177 -2.78 11.02 12.16
CA THR A 177 -1.85 12.04 11.70
C THR A 177 -1.04 11.58 10.50
N TYR A 178 -0.50 12.52 9.74
CA TYR A 178 0.33 12.20 8.60
C TYR A 178 1.81 12.35 8.97
N SER A 179 2.69 11.91 8.09
CA SER A 179 4.12 12.02 8.28
C SER A 179 4.68 12.13 6.89
N MET A 180 5.81 12.82 6.77
CA MET A 180 6.41 13.04 5.48
C MET A 180 7.94 12.94 5.54
N SER A 181 8.55 12.59 4.42
CA SER A 181 9.98 12.48 4.32
C SER A 181 10.45 13.25 3.10
N SER A 182 11.40 14.15 3.31
CA SER A 182 11.94 14.96 2.22
C SER A 182 13.43 14.63 2.17
N THR A 183 13.93 14.40 0.96
CA THR A 183 15.32 14.04 0.78
C THR A 183 15.96 14.82 -0.36
N LEU A 184 17.08 15.46 -0.04
CA LEU A 184 17.85 16.22 -1.02
C LEU A 184 19.10 15.38 -1.31
N THR A 185 19.31 15.04 -2.56
CA THR A 185 20.48 14.24 -2.89
C THR A 185 21.44 14.93 -3.85
N LEU A 186 22.50 15.49 -3.28
CA LEU A 186 23.53 16.16 -4.06
C LEU A 186 24.72 15.23 -4.13
N THR A 187 25.76 15.63 -4.85
CA THR A 187 26.96 14.83 -4.99
C THR A 187 27.84 15.06 -3.77
N LYS A 188 28.74 14.11 -3.50
CA LYS A 188 29.64 14.23 -2.35
C LYS A 188 30.47 15.52 -2.46
N ASP A 189 30.78 15.92 -3.69
CA ASP A 189 31.55 17.15 -3.94
C ASP A 189 30.71 18.42 -3.76
N GLU A 190 29.52 18.48 -4.36
CA GLU A 190 28.66 19.66 -4.23
C GLU A 190 28.35 19.90 -2.76
N TYR A 191 28.21 18.81 -2.02
CA TYR A 191 27.94 18.86 -0.58
C TYR A 191 29.11 19.54 0.11
N GLU A 192 30.31 19.28 -0.39
CA GLU A 192 31.53 19.87 0.17
C GLU A 192 31.56 21.37 0.00
N ARG A 193 30.93 21.84 -1.08
CA ARG A 193 30.91 23.26 -1.39
C ARG A 193 29.97 24.13 -0.53
N HIS A 194 29.32 23.56 0.49
CA HIS A 194 28.41 24.36 1.30
C HIS A 194 28.44 24.05 2.78
N ASN A 195 28.02 25.00 3.60
CA ASN A 195 28.04 24.81 5.04
C ASN A 195 26.71 24.49 5.73
N SER A 196 25.85 25.49 5.94
CA SER A 196 24.58 25.23 6.63
C SER A 196 23.44 24.76 5.72
N TYR A 197 22.82 23.65 6.11
CA TYR A 197 21.70 23.05 5.39
C TYR A 197 20.46 23.24 6.25
N THR A 198 19.34 23.53 5.58
CA THR A 198 18.11 23.77 6.29
C THR A 198 16.85 23.16 5.68
N CYS A 199 16.02 22.63 6.56
CA CYS A 199 14.76 22.05 6.18
C CYS A 199 13.77 23.03 6.80
N GLU A 200 12.98 23.68 5.95
CA GLU A 200 12.00 24.65 6.40
C GLU A 200 10.59 24.11 6.15
N ALA A 201 9.74 24.19 7.17
CA ALA A 201 8.37 23.68 7.05
C ALA A 201 7.32 24.73 7.36
N THR A 202 6.36 24.90 6.47
CA THR A 202 5.26 25.85 6.64
C THR A 202 3.98 25.01 6.68
N HIS A 203 3.23 25.14 7.77
CA HIS A 203 2.01 24.38 8.00
C HIS A 203 1.11 25.28 8.82
N LYS A 204 -0.18 25.28 8.53
CA LYS A 204 -1.14 26.12 9.24
C LYS A 204 -1.01 26.16 10.76
N THR A 205 -0.45 25.11 11.35
CA THR A 205 -0.33 25.05 12.80
C THR A 205 0.78 25.91 13.41
N SER A 206 1.19 26.98 12.72
CA SER A 206 2.23 27.85 13.21
C SER A 206 2.26 29.11 12.35
N THR A 207 2.64 30.24 12.94
CA THR A 207 2.69 31.50 12.21
C THR A 207 3.97 31.62 11.39
N SER A 208 5.07 31.12 11.92
CA SER A 208 6.34 31.21 11.23
C SER A 208 6.86 29.83 10.88
N PRO A 209 7.50 29.69 9.71
CA PRO A 209 8.05 28.43 9.26
C PRO A 209 8.93 27.77 10.33
N ILE A 210 8.84 26.46 10.44
CA ILE A 210 9.64 25.69 11.39
C ILE A 210 10.93 25.32 10.67
N VAL A 211 12.04 25.86 11.18
CA VAL A 211 13.36 25.63 10.59
C VAL A 211 14.27 24.71 11.40
N LYS A 212 14.94 23.80 10.71
CA LYS A 212 15.86 22.88 11.34
C LYS A 212 17.10 22.91 10.48
N SER A 213 18.24 23.27 11.09
CA SER A 213 19.50 23.37 10.35
C SER A 213 20.68 22.64 11.00
N PHE A 214 21.77 22.55 10.23
CA PHE A 214 23.01 21.94 10.68
C PHE A 214 24.06 22.43 9.67
N ASN A 215 25.17 22.98 10.18
CA ASN A 215 26.24 23.49 9.32
C ASN A 215 27.24 22.36 9.17
N ARG A 216 27.75 22.18 7.95
CA ARG A 216 28.71 21.13 7.65
C ARG A 216 30.10 21.48 8.20
N GLN B 1 -8.11 -22.09 10.77
CA GLN B 1 -8.45 -20.82 10.14
C GLN B 1 -8.06 -20.88 8.68
N VAL B 2 -8.86 -20.22 7.83
CA VAL B 2 -8.57 -20.19 6.42
C VAL B 2 -7.23 -19.48 6.23
N GLN B 3 -6.40 -20.03 5.34
CA GLN B 3 -5.08 -19.48 5.08
C GLN B 3 -4.82 -19.54 3.58
N LEU B 4 -4.47 -18.40 3.00
CA LEU B 4 -4.18 -18.35 1.57
C LEU B 4 -2.81 -17.74 1.34
N GLN B 5 -1.84 -18.57 0.97
CA GLN B 5 -0.46 -18.13 0.74
C GLN B 5 -0.05 -18.12 -0.72
N GLU B 6 0.18 -16.94 -1.27
CA GLU B 6 0.61 -16.84 -2.66
C GLU B 6 2.12 -16.60 -2.71
N SER B 7 2.76 -17.32 -3.62
CA SER B 7 4.20 -17.24 -3.80
C SER B 7 4.47 -17.20 -5.29
N GLY B 8 5.71 -16.85 -5.66
CA GLY B 8 6.08 -16.81 -7.06
C GLY B 8 6.09 -15.47 -7.78
N GLY B 9 5.75 -14.39 -7.09
CA GLY B 9 5.79 -13.10 -7.77
C GLY B 9 7.24 -12.75 -8.10
N GLY B 10 7.48 -11.59 -8.71
CA GLY B 10 8.85 -11.24 -9.01
C GLY B 10 9.08 -10.36 -10.21
N LEU B 11 10.34 -10.19 -10.55
CA LEU B 11 10.73 -9.37 -11.68
C LEU B 11 10.77 -10.26 -12.90
N VAL B 12 10.07 -9.86 -13.94
CA VAL B 12 10.04 -10.61 -15.18
C VAL B 12 10.18 -9.56 -16.27
N GLN B 13 10.73 -9.95 -17.41
CA GLN B 13 10.90 -9.02 -18.50
C GLN B 13 9.69 -9.14 -19.41
N PRO B 14 9.36 -8.07 -20.12
CA PRO B 14 8.21 -8.09 -21.02
C PRO B 14 8.28 -9.27 -21.98
N ARG B 15 7.12 -9.84 -22.25
CA ARG B 15 6.97 -10.99 -23.13
C ARG B 15 7.42 -12.25 -22.44
N GLY B 16 7.84 -12.14 -21.19
CA GLY B 16 8.25 -13.33 -20.47
C GLY B 16 7.03 -14.03 -19.87
N SER B 17 7.27 -15.04 -19.04
CA SER B 17 6.17 -15.76 -18.43
C SER B 17 6.51 -16.03 -16.97
N LEU B 18 5.48 -16.11 -16.14
CA LEU B 18 5.65 -16.36 -14.72
C LEU B 18 4.49 -17.21 -14.25
N LYS B 19 4.67 -17.92 -13.15
CA LYS B 19 3.61 -18.78 -12.61
C LYS B 19 3.45 -18.58 -11.12
N LEU B 20 2.30 -18.04 -10.73
CA LEU B 20 2.00 -17.83 -9.32
C LEU B 20 1.32 -19.09 -8.76
N SER B 21 1.47 -19.34 -7.47
CA SER B 21 0.83 -20.50 -6.89
C SER B 21 0.20 -20.06 -5.56
N CYS B 22 -0.83 -20.78 -5.13
CA CYS B 22 -1.53 -20.45 -3.90
C CYS B 22 -1.80 -21.70 -3.09
N ALA B 23 -1.56 -21.60 -1.78
CA ALA B 23 -1.81 -22.71 -0.87
C ALA B 23 -3.00 -22.31 0.00
N ALA B 24 -4.04 -23.14 -0.04
CA ALA B 24 -5.27 -22.91 0.72
C ALA B 24 -5.37 -23.84 1.91
N SER B 25 -6.00 -23.35 2.98
CA SER B 25 -6.18 -24.11 4.23
C SER B 25 -7.38 -23.60 4.99
N GLY B 26 -7.84 -24.39 5.96
CA GLY B 26 -8.97 -24.03 6.81
C GLY B 26 -10.36 -24.07 6.21
N PHE B 27 -10.52 -24.78 5.10
CA PHE B 27 -11.82 -24.90 4.45
C PHE B 27 -11.71 -25.97 3.38
N THR B 28 -12.85 -26.46 2.89
CA THR B 28 -12.80 -27.48 1.86
C THR B 28 -12.58 -26.86 0.49
N PHE B 29 -11.31 -26.87 0.08
CA PHE B 29 -10.87 -26.32 -1.20
C PHE B 29 -11.56 -26.97 -2.37
N ASN B 30 -11.75 -28.28 -2.30
CA ASN B 30 -12.38 -29.06 -3.37
C ASN B 30 -13.81 -28.65 -3.71
N THR B 31 -14.45 -27.89 -2.84
CA THR B 31 -15.81 -27.51 -3.10
C THR B 31 -15.99 -26.09 -3.61
N ASP B 32 -15.09 -25.20 -3.22
CA ASP B 32 -15.24 -23.81 -3.60
C ASP B 32 -14.61 -23.37 -4.91
N ALA B 33 -15.05 -22.23 -5.41
CA ALA B 33 -14.53 -21.63 -6.62
C ALA B 33 -13.43 -20.70 -6.14
N MET B 34 -12.36 -20.61 -6.91
CA MET B 34 -11.24 -19.76 -6.56
C MET B 34 -10.98 -18.72 -7.65
N ASN B 35 -10.55 -17.54 -7.22
CA ASN B 35 -10.29 -16.41 -8.11
C ASN B 35 -8.89 -15.83 -7.96
N TRP B 36 -8.58 -14.91 -8.87
CA TRP B 36 -7.33 -14.17 -8.84
C TRP B 36 -7.72 -12.71 -9.14
N VAL B 37 -7.39 -11.82 -8.22
CA VAL B 37 -7.69 -10.41 -8.39
C VAL B 37 -6.34 -9.70 -8.26
N ARG B 38 -6.11 -8.67 -9.08
CA ARG B 38 -4.85 -7.94 -9.01
C ARG B 38 -5.06 -6.47 -8.81
N GLN B 39 -4.05 -5.82 -8.26
CA GLN B 39 -4.09 -4.40 -7.99
C GLN B 39 -2.83 -3.78 -8.61
N ALA B 40 -3.03 -2.97 -9.64
CA ALA B 40 -1.93 -2.29 -10.32
C ALA B 40 -1.36 -1.19 -9.42
N PRO B 41 -0.06 -0.91 -9.54
CA PRO B 41 0.58 0.12 -8.72
C PRO B 41 -0.19 1.44 -8.82
N GLY B 42 -0.68 1.90 -7.68
CA GLY B 42 -1.45 3.14 -7.64
C GLY B 42 -2.78 3.00 -8.35
N LYS B 43 -3.45 1.88 -8.13
CA LYS B 43 -4.74 1.63 -8.75
C LYS B 43 -5.70 0.86 -7.85
N GLY B 44 -6.92 0.66 -8.35
CA GLY B 44 -7.91 -0.08 -7.60
C GLY B 44 -7.72 -1.55 -7.95
N LEU B 45 -8.71 -2.36 -7.57
CA LEU B 45 -8.65 -3.80 -7.83
C LEU B 45 -9.22 -4.12 -9.21
N GLU B 46 -8.79 -5.23 -9.78
CA GLU B 46 -9.27 -5.67 -11.08
C GLU B 46 -9.35 -7.20 -11.03
N TRP B 47 -10.55 -7.73 -11.19
CA TRP B 47 -10.73 -9.19 -11.18
C TRP B 47 -9.98 -9.75 -12.40
N VAL B 48 -9.20 -10.81 -12.18
CA VAL B 48 -8.39 -11.41 -13.24
C VAL B 48 -8.95 -12.71 -13.84
N ALA B 49 -9.13 -13.71 -12.98
CA ALA B 49 -9.60 -15.00 -13.45
C ALA B 49 -10.33 -15.76 -12.38
N ARG B 50 -11.05 -16.80 -12.80
CA ARG B 50 -11.85 -17.63 -11.91
C ARG B 50 -11.98 -19.06 -12.41
N ILE B 51 -11.89 -20.01 -11.49
CA ILE B 51 -12.05 -21.42 -11.82
C ILE B 51 -13.04 -22.06 -10.84
N ARG B 52 -14.09 -22.64 -11.39
CA ARG B 52 -15.12 -23.29 -10.58
C ARG B 52 -14.65 -24.68 -10.13
N SER B 53 -15.41 -25.28 -9.23
CA SER B 53 -15.12 -26.60 -8.68
C SER B 53 -15.38 -27.74 -9.65
N LYS B 54 -14.94 -28.93 -9.27
CA LYS B 54 -15.12 -30.13 -10.08
C LYS B 54 -16.61 -30.33 -10.36
N GLY B 55 -17.44 -29.91 -9.40
CA GLY B 55 -18.89 -30.02 -9.52
C GLY B 55 -19.42 -29.30 -10.73
N PHE B 56 -18.63 -28.36 -11.24
CA PHE B 56 -19.00 -27.61 -12.42
C PHE B 56 -17.90 -27.74 -13.47
N ASN B 57 -17.30 -28.92 -13.48
CA ASN B 57 -16.26 -29.31 -14.43
C ASN B 57 -15.11 -28.31 -14.63
N PHE B 58 -14.62 -27.76 -13.53
CA PHE B 58 -13.52 -26.80 -13.55
C PHE B 58 -13.72 -25.71 -14.58
N ALA B 59 -14.91 -25.15 -14.66
CA ALA B 59 -15.16 -24.09 -15.62
C ALA B 59 -14.31 -22.86 -15.23
N THR B 60 -13.53 -22.36 -16.19
CA THR B 60 -12.65 -21.21 -15.98
C THR B 60 -13.13 -19.98 -16.76
N TYR B 61 -12.94 -18.79 -16.20
CA TYR B 61 -13.35 -17.54 -16.84
C TYR B 61 -12.18 -16.57 -16.69
N TYR B 62 -11.96 -15.71 -17.68
CA TYR B 62 -10.85 -14.74 -17.67
C TYR B 62 -11.34 -13.37 -18.08
N ALA B 63 -10.69 -12.32 -17.58
CA ALA B 63 -11.03 -10.95 -17.93
C ALA B 63 -10.62 -10.71 -19.38
N ASP B 64 -11.19 -9.70 -20.01
CA ASP B 64 -10.86 -9.44 -21.41
C ASP B 64 -9.38 -9.16 -21.61
N SER B 65 -8.81 -8.34 -20.73
CA SER B 65 -7.40 -7.94 -20.81
C SER B 65 -6.36 -9.03 -20.57
N VAL B 66 -6.81 -10.19 -20.13
CA VAL B 66 -5.90 -11.27 -19.78
C VAL B 66 -6.19 -12.56 -20.54
N ARG B 67 -7.35 -12.61 -21.18
CA ARG B 67 -7.76 -13.81 -21.88
C ARG B 67 -6.73 -14.35 -22.89
N ASP B 68 -6.61 -15.67 -22.95
CA ASP B 68 -5.70 -16.35 -23.87
C ASP B 68 -4.22 -16.21 -23.57
N ARG B 69 -3.88 -15.42 -22.56
CA ARG B 69 -2.49 -15.24 -22.20
C ARG B 69 -2.23 -15.87 -20.85
N PHE B 70 -3.28 -15.93 -20.02
CA PHE B 70 -3.18 -16.51 -18.68
C PHE B 70 -3.87 -17.88 -18.59
N THR B 71 -3.53 -18.67 -17.59
CA THR B 71 -4.14 -19.97 -17.41
C THR B 71 -4.31 -20.34 -15.94
N ILE B 72 -5.53 -20.15 -15.43
CA ILE B 72 -5.82 -20.50 -14.04
C ILE B 72 -6.08 -21.99 -13.99
N SER B 73 -5.65 -22.63 -12.92
CA SER B 73 -5.87 -24.06 -12.80
C SER B 73 -5.83 -24.37 -11.32
N ARG B 74 -6.06 -25.63 -10.96
CA ARG B 74 -6.05 -26.03 -9.56
C ARG B 74 -5.74 -27.51 -9.36
N ASP B 75 -5.32 -27.84 -8.15
CA ASP B 75 -5.03 -29.20 -7.78
C ASP B 75 -5.73 -29.41 -6.43
N ASP B 76 -6.96 -29.91 -6.46
CA ASP B 76 -7.75 -30.14 -5.25
C ASP B 76 -7.05 -31.10 -4.30
N SER B 77 -6.16 -31.93 -4.82
CA SER B 77 -5.41 -32.89 -4.01
C SER B 77 -4.40 -32.21 -3.08
N GLN B 78 -3.83 -31.09 -3.55
CA GLN B 78 -2.85 -30.36 -2.75
C GLN B 78 -3.39 -29.02 -2.26
N SER B 79 -4.64 -28.73 -2.60
CA SER B 79 -5.27 -27.47 -2.19
C SER B 79 -4.45 -26.31 -2.73
N MET B 80 -4.01 -26.47 -3.97
CA MET B 80 -3.19 -25.46 -4.64
C MET B 80 -3.92 -24.84 -5.83
N LEU B 81 -3.81 -23.53 -5.96
CA LEU B 81 -4.40 -22.78 -7.06
C LEU B 81 -3.20 -22.20 -7.83
N TYR B 82 -3.26 -22.15 -9.15
CA TYR B 82 -2.17 -21.60 -9.94
C TYR B 82 -2.62 -20.53 -10.90
N LEU B 83 -1.66 -19.74 -11.41
CA LEU B 83 -1.93 -18.71 -12.40
C LEU B 83 -0.70 -18.64 -13.31
N GLN B 84 -0.80 -19.28 -14.47
CA GLN B 84 0.28 -19.29 -15.45
C GLN B 84 0.14 -18.04 -16.28
N MET B 85 1.14 -17.20 -16.25
CA MET B 85 1.13 -15.95 -17.00
C MET B 85 2.14 -16.05 -18.13
N ASN B 86 1.69 -15.80 -19.34
CA ASN B 86 2.54 -15.85 -20.53
C ASN B 86 2.39 -14.56 -21.29
N ASN B 87 3.34 -14.27 -22.18
CA ASN B 87 3.30 -13.05 -22.96
C ASN B 87 3.03 -11.86 -22.06
N LEU B 88 3.73 -11.83 -20.94
CA LEU B 88 3.58 -10.76 -19.96
C LEU B 88 3.77 -9.38 -20.59
N LYS B 89 2.94 -8.44 -20.18
CA LYS B 89 2.98 -7.08 -20.66
C LYS B 89 3.24 -6.22 -19.43
N THR B 90 3.78 -5.02 -19.60
CA THR B 90 4.05 -4.17 -18.45
C THR B 90 2.78 -3.81 -17.68
N GLU B 91 1.64 -3.85 -18.37
CA GLU B 91 0.35 -3.53 -17.75
C GLU B 91 0.04 -4.48 -16.60
N ASP B 92 0.53 -5.71 -16.71
CA ASP B 92 0.30 -6.74 -15.70
C ASP B 92 1.07 -6.56 -14.40
N THR B 93 1.77 -5.44 -14.24
CA THR B 93 2.50 -5.20 -13.01
C THR B 93 1.47 -4.94 -11.92
N GLY B 94 1.70 -5.47 -10.73
CA GLY B 94 0.77 -5.25 -9.64
C GLY B 94 0.84 -6.35 -8.62
N ILE B 95 -0.08 -6.32 -7.66
CA ILE B 95 -0.14 -7.35 -6.63
C ILE B 95 -1.27 -8.30 -7.01
N TYR B 96 -0.99 -9.58 -6.88
CA TYR B 96 -1.96 -10.60 -7.20
C TYR B 96 -2.39 -11.22 -5.89
N TYR B 97 -3.71 -11.28 -5.71
CA TYR B 97 -4.32 -11.84 -4.51
C TYR B 97 -5.03 -13.09 -4.92
N CYS B 98 -4.92 -14.09 -4.08
CA CYS B 98 -5.59 -15.39 -4.27
C CYS B 98 -6.90 -15.19 -3.51
N VAL B 99 -8.04 -15.40 -4.16
CA VAL B 99 -9.31 -15.14 -3.50
C VAL B 99 -10.37 -16.24 -3.61
N ARG B 100 -10.85 -16.71 -2.45
CA ARG B 100 -11.89 -17.72 -2.40
C ARG B 100 -13.18 -16.98 -2.68
N GLY B 101 -14.01 -17.52 -3.56
CA GLY B 101 -15.26 -16.84 -3.87
C GLY B 101 -16.30 -17.81 -4.38
N ARG B 102 -17.11 -18.35 -3.47
CA ARG B 102 -18.14 -19.32 -3.81
C ARG B 102 -19.19 -18.79 -4.79
N ASP B 103 -19.63 -19.65 -5.69
CA ASP B 103 -20.64 -19.30 -6.70
C ASP B 103 -21.93 -18.75 -6.12
N GLY B 104 -22.33 -17.56 -6.58
CA GLY B 104 -23.57 -16.95 -6.13
C GLY B 104 -23.45 -16.02 -4.93
N GLU B 105 -22.39 -16.16 -4.16
CA GLU B 105 -22.18 -15.33 -2.97
C GLU B 105 -21.24 -14.16 -3.30
N ALA B 106 -20.13 -14.06 -2.57
CA ALA B 106 -19.16 -13.00 -2.77
C ALA B 106 -17.75 -13.52 -2.48
N MET B 107 -16.76 -12.65 -2.63
CA MET B 107 -15.36 -13.02 -2.40
C MET B 107 -15.03 -12.96 -0.92
N ASP B 108 -15.02 -14.16 -0.36
CA ASP B 108 -14.78 -14.45 1.04
C ASP B 108 -13.40 -14.09 1.58
N TYR B 109 -12.40 -14.86 1.20
CA TYR B 109 -11.05 -14.67 1.68
C TYR B 109 -10.06 -14.33 0.59
N TRP B 110 -9.17 -13.41 0.92
CA TRP B 110 -8.13 -12.95 0.01
C TRP B 110 -6.82 -13.28 0.70
N GLY B 111 -5.77 -13.52 -0.06
CA GLY B 111 -4.50 -13.81 0.57
C GLY B 111 -3.80 -12.50 0.88
N GLN B 112 -2.49 -12.56 1.16
CA GLN B 112 -1.67 -11.38 1.45
C GLN B 112 -1.29 -10.71 0.12
N GLY B 113 -1.07 -11.54 -0.90
CA GLY B 113 -0.73 -11.03 -2.21
C GLY B 113 0.73 -11.25 -2.53
N THR B 114 1.06 -11.24 -3.82
CA THR B 114 2.44 -11.41 -4.26
C THR B 114 2.70 -10.35 -5.33
N THR B 115 3.81 -9.62 -5.20
CA THR B 115 4.13 -8.57 -6.17
C THR B 115 4.72 -9.13 -7.44
N LEU B 116 4.35 -8.53 -8.55
CA LEU B 116 4.84 -8.95 -9.85
C LEU B 116 5.20 -7.68 -10.62
N THR B 117 6.45 -7.64 -11.11
CA THR B 117 6.94 -6.49 -11.85
C THR B 117 7.36 -6.93 -13.23
N VAL B 118 6.87 -6.23 -14.24
CA VAL B 118 7.20 -6.53 -15.63
C VAL B 118 7.98 -5.35 -16.17
N SER B 119 9.29 -5.54 -16.36
CA SER B 119 10.19 -4.49 -16.88
C SER B 119 11.49 -5.11 -17.31
N SER B 120 12.19 -4.42 -18.20
CA SER B 120 13.47 -4.90 -18.69
C SER B 120 14.64 -4.39 -17.84
N ALA B 121 14.32 -3.71 -16.74
CA ALA B 121 15.35 -3.20 -15.83
C ALA B 121 16.01 -4.38 -15.11
N LYS B 122 17.06 -4.09 -14.35
CA LYS B 122 17.83 -5.12 -13.65
C LYS B 122 17.75 -5.04 -12.14
N THR B 123 17.81 -6.19 -11.49
CA THR B 123 17.78 -6.26 -10.04
C THR B 123 18.99 -5.54 -9.47
N THR B 124 18.72 -4.56 -8.62
CA THR B 124 19.77 -3.80 -7.99
C THR B 124 19.58 -3.82 -6.49
N PRO B 125 20.58 -4.28 -5.74
CA PRO B 125 20.54 -4.36 -4.28
C PRO B 125 20.38 -2.97 -3.67
N PRO B 126 19.70 -2.88 -2.51
CA PRO B 126 19.53 -1.57 -1.89
C PRO B 126 20.78 -1.23 -1.05
N SER B 127 20.98 0.06 -0.82
CA SER B 127 22.11 0.52 -0.03
C SER B 127 21.53 1.17 1.20
N VAL B 128 21.72 0.53 2.35
CA VAL B 128 21.18 1.03 3.60
C VAL B 128 22.17 1.92 4.35
N TYR B 129 21.74 3.17 4.58
CA TYR B 129 22.56 4.16 5.29
C TYR B 129 21.88 4.55 6.58
N PRO B 130 22.55 4.37 7.71
CA PRO B 130 21.97 4.73 9.01
C PRO B 130 21.97 6.24 9.23
N LEU B 131 20.81 6.79 9.52
CA LEU B 131 20.68 8.21 9.76
C LEU B 131 20.66 8.45 11.26
N ALA B 132 21.77 8.94 11.76
CA ALA B 132 21.95 9.23 13.18
C ALA B 132 22.00 10.73 13.45
N PRO B 133 21.45 11.17 14.59
CA PRO B 133 21.45 12.59 14.94
C PRO B 133 22.88 13.13 15.00
N MET B 142 12.76 11.61 23.84
CA MET B 142 12.34 11.34 22.47
C MET B 142 13.39 11.73 21.44
N VAL B 143 13.97 10.75 20.76
CA VAL B 143 14.98 10.99 19.73
C VAL B 143 14.57 10.21 18.49
N THR B 144 14.63 10.88 17.34
CA THR B 144 14.26 10.25 16.10
C THR B 144 15.49 9.77 15.35
N LEU B 145 15.60 8.46 15.19
CA LEU B 145 16.69 7.90 14.43
C LEU B 145 16.03 7.60 13.08
N GLY B 146 16.81 7.21 12.09
CA GLY B 146 16.23 6.91 10.80
C GLY B 146 17.06 5.91 10.04
N CYS B 147 16.61 5.59 8.84
CA CYS B 147 17.35 4.66 8.01
C CYS B 147 16.99 4.96 6.56
N LEU B 148 18.01 5.17 5.73
CA LEU B 148 17.79 5.48 4.32
C LEU B 148 18.07 4.22 3.54
N VAL B 149 17.14 3.87 2.65
CA VAL B 149 17.26 2.69 1.82
C VAL B 149 17.09 3.19 0.41
N LYS B 150 18.19 3.35 -0.31
CA LYS B 150 18.08 3.85 -1.67
C LYS B 150 18.76 3.03 -2.73
N GLY B 151 18.34 3.30 -3.96
CA GLY B 151 18.89 2.66 -5.14
C GLY B 151 18.58 1.21 -5.36
N TYR B 152 17.37 0.74 -5.06
CA TYR B 152 17.05 -0.66 -5.31
C TYR B 152 16.03 -0.85 -6.42
N PHE B 153 15.89 -2.10 -6.86
CA PHE B 153 14.93 -2.49 -7.88
C PHE B 153 14.94 -4.00 -8.06
N PRO B 154 13.76 -4.62 -8.17
CA PRO B 154 12.47 -3.93 -8.13
C PRO B 154 11.90 -3.87 -6.73
N GLU B 155 10.69 -3.33 -6.65
CA GLU B 155 9.94 -3.22 -5.40
C GLU B 155 9.50 -4.66 -5.11
N PRO B 156 9.28 -5.01 -3.83
CA PRO B 156 9.39 -4.20 -2.62
C PRO B 156 10.59 -4.58 -1.73
N VAL B 157 10.71 -3.84 -0.63
CA VAL B 157 11.79 -4.05 0.34
C VAL B 157 11.09 -4.22 1.69
N THR B 158 11.78 -4.74 2.70
CA THR B 158 11.15 -4.92 3.99
C THR B 158 11.96 -4.33 5.12
N VAL B 159 11.44 -3.26 5.74
CA VAL B 159 12.14 -2.60 6.83
C VAL B 159 11.49 -2.86 8.18
N THR B 160 12.31 -3.05 9.21
CA THR B 160 11.83 -3.26 10.56
C THR B 160 12.89 -2.75 11.52
N TRP B 161 12.50 -2.50 12.76
CA TRP B 161 13.44 -2.02 13.75
C TRP B 161 13.58 -3.04 14.87
N ASN B 162 14.80 -3.49 15.10
CA ASN B 162 15.11 -4.49 16.11
C ASN B 162 14.31 -5.76 15.88
N SER B 163 14.37 -6.22 14.64
CA SER B 163 13.69 -7.43 14.19
C SER B 163 12.17 -7.47 14.43
N GLY B 164 11.62 -6.40 15.00
CA GLY B 164 10.19 -6.36 15.26
C GLY B 164 9.90 -5.81 16.65
N SER B 165 10.88 -5.89 17.54
CA SER B 165 10.73 -5.40 18.91
C SER B 165 10.25 -3.95 18.93
N LEU B 166 10.61 -3.19 17.90
CA LEU B 166 10.21 -1.81 17.78
C LEU B 166 9.20 -1.68 16.66
N SER B 167 7.93 -1.51 17.05
CA SER B 167 6.85 -1.35 16.09
C SER B 167 6.23 0.03 16.21
N SER B 168 5.93 0.46 17.43
CA SER B 168 5.35 1.78 17.64
C SER B 168 6.45 2.85 17.59
N GLY B 169 6.16 3.96 16.92
CA GLY B 169 7.14 5.02 16.80
C GLY B 169 7.79 5.00 15.42
N VAL B 170 7.66 3.86 14.75
CA VAL B 170 8.20 3.66 13.42
C VAL B 170 7.30 4.26 12.36
N HIS B 171 7.90 4.74 11.27
CA HIS B 171 7.18 5.32 10.13
C HIS B 171 7.96 4.93 8.90
N THR B 172 7.43 4.01 8.10
CA THR B 172 8.12 3.62 6.87
C THR B 172 7.35 4.32 5.74
N PHE B 173 8.03 5.20 5.03
CA PHE B 173 7.40 5.95 3.96
C PHE B 173 7.43 5.15 2.68
N PRO B 174 6.40 5.31 1.84
CA PRO B 174 6.34 4.58 0.56
C PRO B 174 7.55 4.95 -0.32
N ALA B 175 8.05 3.96 -1.03
CA ALA B 175 9.19 4.18 -1.90
C ALA B 175 8.84 5.09 -3.06
N VAL B 176 9.82 5.84 -3.56
CA VAL B 176 9.64 6.74 -4.68
C VAL B 176 10.59 6.24 -5.76
N LEU B 177 10.13 6.22 -7.01
CA LEU B 177 10.91 5.74 -8.14
C LEU B 177 11.69 6.86 -8.81
N GLN B 178 12.89 7.11 -8.32
CA GLN B 178 13.74 8.16 -8.86
C GLN B 178 14.82 7.61 -9.78
N SER B 179 14.79 8.07 -11.03
CA SER B 179 15.77 7.68 -12.05
C SER B 179 15.88 6.16 -12.21
N ASP B 180 14.73 5.49 -12.26
CA ASP B 180 14.67 4.03 -12.41
C ASP B 180 15.09 3.26 -11.17
N LEU B 181 15.40 3.96 -10.08
CA LEU B 181 15.78 3.32 -8.83
C LEU B 181 14.91 3.83 -7.68
N TYR B 182 14.46 2.90 -6.84
CA TYR B 182 13.64 3.23 -5.69
C TYR B 182 14.46 3.70 -4.51
N THR B 183 13.86 4.58 -3.70
CA THR B 183 14.48 5.11 -2.51
C THR B 183 13.34 5.13 -1.49
N LEU B 184 13.64 4.67 -0.29
CA LEU B 184 12.68 4.56 0.78
C LEU B 184 13.40 4.89 2.08
N SER B 185 12.64 5.32 3.10
CA SER B 185 13.21 5.65 4.39
C SER B 185 12.27 5.19 5.47
N SER B 186 12.81 5.02 6.67
CA SER B 186 12.05 4.59 7.84
C SER B 186 12.60 5.35 9.05
N SER B 187 11.71 5.84 9.91
CA SER B 187 12.15 6.58 11.10
C SER B 187 11.56 5.95 12.34
N VAL B 188 12.26 6.09 13.46
CA VAL B 188 11.80 5.53 14.71
C VAL B 188 12.07 6.48 15.86
N THR B 189 11.01 6.88 16.54
CA THR B 189 11.13 7.79 17.67
C THR B 189 11.07 6.99 18.97
N VAL B 190 12.20 6.94 19.66
CA VAL B 190 12.33 6.22 20.93
C VAL B 190 12.65 7.21 22.03
N PRO B 191 12.53 6.80 23.30
CA PRO B 191 12.83 7.71 24.42
C PRO B 191 14.31 8.11 24.41
N SER B 192 14.60 9.30 24.90
CA SER B 192 15.97 9.81 24.94
C SER B 192 16.95 8.87 25.65
N SER B 193 16.43 7.99 26.49
CA SER B 193 17.25 7.06 27.25
C SER B 193 17.75 5.80 26.53
N PRO B 194 16.84 4.97 25.97
CA PRO B 194 17.24 3.74 25.27
C PRO B 194 18.19 3.87 24.09
N ARG B 195 18.79 5.03 23.89
CA ARG B 195 19.71 5.24 22.78
C ARG B 195 20.48 6.52 23.09
N PRO B 196 21.83 6.48 23.01
CA PRO B 196 22.72 5.36 22.65
C PRO B 196 22.83 4.23 23.67
N SER B 197 22.10 4.33 24.78
CA SER B 197 22.12 3.32 25.84
C SER B 197 21.80 1.91 25.38
N GLU B 198 20.66 1.76 24.68
CA GLU B 198 20.25 0.47 24.17
C GLU B 198 20.36 0.47 22.64
N THR B 199 20.73 -0.67 22.07
CA THR B 199 20.89 -0.79 20.62
C THR B 199 19.61 -0.76 19.80
N VAL B 200 19.60 0.10 18.78
CA VAL B 200 18.48 0.22 17.85
C VAL B 200 19.06 -0.21 16.51
N THR B 201 18.42 -1.16 15.83
CA THR B 201 18.92 -1.68 14.56
C THR B 201 17.91 -1.59 13.43
N CYS B 202 18.42 -1.28 12.25
CA CYS B 202 17.61 -1.15 11.05
C CYS B 202 17.73 -2.43 10.24
N ASN B 203 16.72 -3.27 10.32
CA ASN B 203 16.69 -4.55 9.60
C ASN B 203 16.06 -4.27 8.24
N VAL B 204 16.75 -4.64 7.17
CA VAL B 204 16.25 -4.42 5.82
C VAL B 204 16.44 -5.70 4.99
N ALA B 205 15.43 -6.04 4.20
CA ALA B 205 15.48 -7.22 3.35
C ALA B 205 14.96 -6.90 1.96
N HIS B 206 15.67 -7.37 0.95
CA HIS B 206 15.28 -7.16 -0.44
C HIS B 206 15.23 -8.52 -1.13
N PRO B 207 14.05 -9.16 -1.17
CA PRO B 207 13.88 -10.47 -1.80
C PRO B 207 14.55 -10.63 -3.17
N ALA B 208 14.24 -9.73 -4.10
CA ALA B 208 14.79 -9.78 -5.46
C ALA B 208 16.29 -10.04 -5.60
N SER B 209 17.06 -9.66 -4.59
CA SER B 209 18.50 -9.87 -4.64
C SER B 209 18.97 -10.64 -3.41
N SER B 210 18.05 -11.38 -2.79
CA SER B 210 18.33 -12.18 -1.59
C SER B 210 19.24 -11.41 -0.63
N THR B 211 18.82 -10.20 -0.27
CA THR B 211 19.59 -9.35 0.61
C THR B 211 18.97 -9.17 2.00
N LYS B 212 19.83 -9.09 3.00
CA LYS B 212 19.41 -8.87 4.38
C LYS B 212 20.58 -8.16 5.06
N VAL B 213 20.31 -6.94 5.53
CA VAL B 213 21.31 -6.10 6.17
C VAL B 213 20.76 -5.58 7.49
N ASP B 214 21.61 -5.55 8.52
CA ASP B 214 21.22 -5.06 9.83
C ASP B 214 22.14 -3.90 10.15
N LYS B 215 21.66 -2.69 9.90
CA LYS B 215 22.46 -1.51 10.15
C LYS B 215 22.14 -0.87 11.48
N LYS B 216 23.04 -1.01 12.43
CA LYS B 216 22.90 -0.43 13.77
C LYS B 216 23.08 1.10 13.70
N ILE B 217 22.05 1.84 14.06
CA ILE B 217 22.10 3.31 14.04
C ILE B 217 22.97 3.74 15.20
N VAL B 218 24.27 3.88 14.95
CA VAL B 218 25.19 4.27 16.01
C VAL B 218 25.57 5.76 15.96
N ASN B 219 25.79 6.30 17.16
CA ASN B 219 26.17 7.69 17.41
C ASN B 219 25.95 7.83 18.92
#